data_7AW1
#
_entry.id   7AW1
#
_cell.length_a   93.450
_cell.length_b   94.740
_cell.length_c   72.410
_cell.angle_alpha   90.000
_cell.angle_beta   90.000
_cell.angle_gamma   90.000
#
_symmetry.space_group_name_H-M   'C 2 2 21'
#
loop_
_entity.id
_entity.type
_entity.pdbx_description
1 polymer 'Tyrosine-protein kinase Mer'
2 non-polymer N-(6-(4-(3-(4-((5,6-dihydroimidazo[1,2-a]pyrazin-7(8H)-yl)methyl)-3-(trifluoromethyl)phenyl)ureido)phenoxy)pyrimidin-4-yl)cyclopropanecarboxamide
3 water water
#
_entity_poly.entity_id   1
_entity_poly.type   'polypeptide(L)'
_entity_poly.pdbx_seq_one_letter_code
;GSHMEELQNKLEDVVIDRNLLILGRILGEGEFGSVMEGNLKQEDGTSLKVAVKTMKLDNSSQREIEEFLSEAACMKDFSH
PNVIRLLGVCIEMSSQGIPKPMVILPFMKYGDLHTYLLYSRLETGPRHIPLQTLLRFMVDIALGMEYLSNRNFLHRDLAA
RNCMLRDDMTVCVADFGLSKKIYSGDYYRQGRIAKMPVKWIAIESLADRVYTSKSDVWAFGVTMWEIATRGMTPYPGVQN
HEMYDYLLHGHRLKQPEDCLDELYEIMYSCWRTDPLDRPTFSVLRLQLERLLESLPDV
;
_entity_poly.pdbx_strand_id   A
#
# COMPACT_ATOMS: atom_id res chain seq x y z
N SER A 2 18.59 10.81 -22.28
CA SER A 2 17.33 11.48 -22.58
C SER A 2 16.12 10.77 -21.95
N HIS A 3 14.94 11.43 -21.96
CA HIS A 3 13.68 10.92 -21.42
C HIS A 3 13.28 9.60 -22.09
N MET A 4 13.47 9.50 -23.43
CA MET A 4 13.18 8.32 -24.25
C MET A 4 14.14 7.17 -23.90
N GLU A 5 15.46 7.50 -23.78
CA GLU A 5 16.54 6.58 -23.46
C GLU A 5 16.34 5.92 -22.10
N GLU A 6 15.87 6.71 -21.10
CA GLU A 6 15.57 6.26 -19.75
C GLU A 6 14.35 5.33 -19.73
N LEU A 7 13.40 5.52 -20.67
CA LEU A 7 12.20 4.71 -20.80
C LEU A 7 12.52 3.36 -21.44
N GLN A 8 13.31 3.35 -22.53
CA GLN A 8 13.74 2.12 -23.23
C GLN A 8 14.63 1.24 -22.34
N ASN A 9 15.38 1.85 -21.41
CA ASN A 9 16.25 1.17 -20.45
C ASN A 9 15.39 0.40 -19.43
N LYS A 10 14.47 1.12 -18.75
CA LYS A 10 13.53 0.55 -17.77
C LYS A 10 12.70 -0.60 -18.39
N LEU A 11 12.31 -0.45 -19.66
CA LEU A 11 11.50 -1.42 -20.43
C LEU A 11 12.17 -2.77 -20.66
N GLU A 12 13.47 -2.79 -21.02
CA GLU A 12 14.20 -4.05 -21.29
C GLU A 12 14.41 -4.91 -20.02
N ASP A 13 14.54 -4.28 -18.85
CA ASP A 13 14.81 -4.91 -17.56
C ASP A 13 13.63 -5.64 -16.89
N VAL A 14 12.39 -5.21 -17.15
CA VAL A 14 11.19 -5.68 -16.45
C VAL A 14 10.64 -7.07 -16.92
N VAL A 15 10.90 -7.49 -18.15
CA VAL A 15 10.34 -8.76 -18.65
C VAL A 15 11.14 -10.00 -18.17
N ILE A 16 10.42 -11.00 -17.61
CA ILE A 16 10.97 -12.28 -17.16
C ILE A 16 10.59 -13.39 -18.17
N ASP A 17 11.55 -14.23 -18.60
CA ASP A 17 11.26 -15.36 -19.49
C ASP A 17 10.35 -16.36 -18.74
N ARG A 18 9.20 -16.71 -19.35
CA ARG A 18 8.18 -17.59 -18.77
C ARG A 18 8.70 -18.98 -18.32
N ASN A 19 9.77 -19.49 -18.97
CA ASN A 19 10.39 -20.77 -18.60
C ASN A 19 11.15 -20.75 -17.25
N LEU A 20 11.40 -19.55 -16.68
CA LEU A 20 12.09 -19.40 -15.40
C LEU A 20 11.09 -19.40 -14.22
N LEU A 21 9.79 -19.48 -14.54
CA LEU A 21 8.71 -19.43 -13.56
C LEU A 21 7.87 -20.71 -13.57
N ILE A 22 7.51 -21.18 -12.36
CA ILE A 22 6.64 -22.33 -12.11
C ILE A 22 5.52 -21.81 -11.21
N LEU A 23 4.25 -22.08 -11.59
CA LEU A 23 3.09 -21.62 -10.82
C LEU A 23 2.56 -22.72 -9.91
N GLY A 24 2.16 -22.32 -8.71
CA GLY A 24 1.62 -23.22 -7.71
C GLY A 24 0.14 -23.07 -7.48
N ARG A 25 -0.25 -23.09 -6.20
CA ARG A 25 -1.65 -23.01 -5.78
C ARG A 25 -2.16 -21.57 -5.70
N ILE A 26 -3.48 -21.41 -5.91
CA ILE A 26 -4.20 -20.14 -5.82
C ILE A 26 -4.31 -19.75 -4.34
N LEU A 27 -3.93 -18.51 -4.00
CA LEU A 27 -3.97 -17.96 -2.64
C LEU A 27 -5.20 -17.05 -2.43
N GLY A 28 -5.64 -16.39 -3.51
CA GLY A 28 -6.77 -15.47 -3.51
C GLY A 28 -7.36 -15.27 -4.90
N GLU A 29 -8.66 -14.86 -4.95
CA GLU A 29 -9.38 -14.61 -6.19
C GLU A 29 -10.29 -13.38 -6.12
N GLY A 30 -10.48 -12.75 -7.28
CA GLY A 30 -11.32 -11.56 -7.45
C GLY A 30 -11.89 -11.44 -8.85
N GLU A 31 -12.43 -10.26 -9.17
CA GLU A 31 -13.01 -9.97 -10.48
C GLU A 31 -11.90 -9.57 -11.48
N PHE A 32 -10.94 -8.76 -11.01
CA PHE A 32 -9.80 -8.27 -11.79
C PHE A 32 -8.75 -9.33 -12.06
N GLY A 33 -8.57 -10.27 -11.12
CA GLY A 33 -7.60 -11.34 -11.25
C GLY A 33 -7.32 -12.16 -10.00
N SER A 34 -6.29 -13.03 -10.09
CA SER A 34 -5.90 -13.94 -9.01
C SER A 34 -4.47 -13.74 -8.51
N VAL A 35 -4.19 -14.27 -7.31
CA VAL A 35 -2.88 -14.29 -6.66
C VAL A 35 -2.55 -15.77 -6.40
N MET A 36 -1.37 -16.22 -6.88
CA MET A 36 -0.89 -17.60 -6.74
C MET A 36 0.52 -17.62 -6.15
N GLU A 37 0.91 -18.74 -5.53
CA GLU A 37 2.29 -18.88 -5.07
C GLU A 37 3.10 -19.39 -6.28
N GLY A 38 4.40 -19.10 -6.30
CA GLY A 38 5.25 -19.56 -7.39
C GLY A 38 6.71 -19.74 -7.02
N ASN A 39 7.50 -20.27 -7.98
CA ASN A 39 8.96 -20.44 -7.91
C ASN A 39 9.63 -19.68 -9.07
N LEU A 40 10.64 -18.85 -8.78
CA LEU A 40 11.39 -18.11 -9.79
C LEU A 40 12.86 -18.57 -9.79
N LYS A 41 13.36 -19.04 -10.96
CA LYS A 41 14.76 -19.46 -11.11
C LYS A 41 15.62 -18.20 -11.23
N GLN A 42 16.63 -18.06 -10.36
CA GLN A 42 17.48 -16.85 -10.33
C GLN A 42 18.80 -17.02 -11.12
N GLU A 43 19.59 -15.91 -11.21
CA GLU A 43 20.89 -15.83 -11.92
C GLU A 43 21.95 -16.79 -11.38
N ASP A 44 21.95 -17.03 -10.04
CA ASP A 44 22.87 -17.94 -9.35
C ASP A 44 22.49 -19.44 -9.41
N GLY A 45 21.53 -19.81 -10.26
CA GLY A 45 21.06 -21.19 -10.43
C GLY A 45 20.00 -21.69 -9.44
N THR A 46 19.75 -20.94 -8.34
CA THR A 46 18.78 -21.35 -7.30
C THR A 46 17.39 -20.72 -7.50
N SER A 47 16.35 -21.34 -6.89
CA SER A 47 14.96 -20.86 -7.00
C SER A 47 14.51 -20.06 -5.77
N LEU A 48 13.63 -19.06 -6.01
CA LEU A 48 13.07 -18.17 -4.99
C LEU A 48 11.54 -18.31 -4.96
N LYS A 49 10.94 -18.40 -3.75
CA LYS A 49 9.48 -18.42 -3.59
C LYS A 49 8.92 -17.03 -3.86
N VAL A 50 7.96 -16.95 -4.78
CA VAL A 50 7.34 -15.66 -5.17
C VAL A 50 5.81 -15.70 -5.11
N ALA A 51 5.15 -14.53 -5.19
CA ALA A 51 3.70 -14.40 -5.31
C ALA A 51 3.46 -13.93 -6.76
N VAL A 52 2.52 -14.57 -7.47
CA VAL A 52 2.24 -14.22 -8.86
C VAL A 52 0.80 -13.69 -8.99
N LYS A 53 0.67 -12.43 -9.45
CA LYS A 53 -0.62 -11.79 -9.66
C LYS A 53 -0.97 -11.76 -11.14
N THR A 54 -2.11 -12.35 -11.51
CA THR A 54 -2.60 -12.40 -12.90
C THR A 54 -3.80 -11.44 -13.06
N MET A 55 -3.95 -10.83 -14.25
CA MET A 55 -5.02 -9.88 -14.56
C MET A 55 -6.03 -10.50 -15.52
N SER A 61 -6.26 -4.49 -27.95
CA SER A 61 -5.78 -4.60 -26.57
C SER A 61 -4.30 -4.20 -26.41
N GLN A 62 -3.54 -4.14 -27.53
CA GLN A 62 -2.11 -3.80 -27.61
C GLN A 62 -1.71 -2.56 -26.80
N ARG A 63 -2.55 -1.49 -26.82
CA ARG A 63 -2.33 -0.25 -26.09
C ARG A 63 -2.42 -0.44 -24.57
N GLU A 64 -3.36 -1.30 -24.10
CA GLU A 64 -3.55 -1.61 -22.68
C GLU A 64 -2.37 -2.42 -22.13
N ILE A 65 -1.82 -3.35 -22.94
CA ILE A 65 -0.65 -4.18 -22.58
C ILE A 65 0.59 -3.28 -22.51
N GLU A 66 0.69 -2.32 -23.45
CA GLU A 66 1.77 -1.33 -23.53
C GLU A 66 1.78 -0.44 -22.30
N GLU A 67 0.58 -0.04 -21.80
CA GLU A 67 0.42 0.77 -20.58
C GLU A 67 0.87 -0.04 -19.37
N PHE A 68 0.53 -1.34 -19.33
CA PHE A 68 0.91 -2.26 -18.26
C PHE A 68 2.44 -2.41 -18.18
N LEU A 69 3.10 -2.65 -19.33
CA LEU A 69 4.56 -2.81 -19.41
C LEU A 69 5.29 -1.50 -19.01
N SER A 70 4.75 -0.34 -19.45
CA SER A 70 5.28 0.98 -19.12
C SER A 70 5.22 1.22 -17.61
N GLU A 71 4.04 0.99 -16.97
CA GLU A 71 3.86 1.14 -15.52
C GLU A 71 4.69 0.15 -14.70
N ALA A 72 4.82 -1.10 -15.17
CA ALA A 72 5.63 -2.11 -14.49
C ALA A 72 7.12 -1.71 -14.52
N ALA A 73 7.60 -1.17 -15.66
CA ALA A 73 8.99 -0.69 -15.80
C ALA A 73 9.35 0.42 -14.77
N CYS A 74 8.39 1.33 -14.48
CA CYS A 74 8.55 2.41 -13.49
C CYS A 74 8.60 1.83 -12.06
N MET A 75 7.71 0.88 -11.75
CA MET A 75 7.66 0.23 -10.44
C MET A 75 8.94 -0.55 -10.12
N LYS A 76 9.53 -1.24 -11.13
CA LYS A 76 10.76 -2.03 -10.93
C LYS A 76 11.94 -1.10 -10.59
N ASP A 77 11.91 0.12 -11.12
CA ASP A 77 12.92 1.15 -10.91
C ASP A 77 12.94 1.70 -9.46
N PHE A 78 11.82 1.59 -8.72
CA PHE A 78 11.73 2.02 -7.31
C PHE A 78 12.71 1.17 -6.48
N SER A 79 13.41 1.82 -5.54
CA SER A 79 14.39 1.14 -4.68
C SER A 79 14.38 1.77 -3.28
N HIS A 80 13.57 1.20 -2.38
CA HIS A 80 13.40 1.65 -1.01
C HIS A 80 12.97 0.47 -0.14
N PRO A 81 13.51 0.29 1.08
CA PRO A 81 13.08 -0.84 1.93
C PRO A 81 11.60 -0.85 2.35
N ASN A 82 10.85 0.31 2.24
CA ASN A 82 9.43 0.36 2.65
C ASN A 82 8.46 0.47 1.46
N VAL A 83 8.93 0.05 0.26
CA VAL A 83 8.12 -0.02 -0.96
C VAL A 83 8.32 -1.45 -1.48
N ILE A 84 7.23 -2.20 -1.80
CA ILE A 84 7.34 -3.60 -2.29
C ILE A 84 8.22 -3.65 -3.57
N ARG A 85 9.10 -4.65 -3.69
CA ARG A 85 9.92 -4.68 -4.90
C ARG A 85 9.26 -5.50 -6.01
N LEU A 86 9.21 -4.95 -7.21
CA LEU A 86 8.66 -5.70 -8.35
C LEU A 86 9.84 -6.47 -8.97
N LEU A 87 9.78 -7.80 -8.97
CA LEU A 87 10.85 -8.64 -9.55
C LEU A 87 10.79 -8.68 -11.07
N GLY A 88 9.59 -8.61 -11.64
CA GLY A 88 9.38 -8.60 -13.08
C GLY A 88 7.96 -8.95 -13.52
N VAL A 89 7.76 -9.08 -14.84
CA VAL A 89 6.45 -9.37 -15.45
C VAL A 89 6.55 -10.44 -16.56
N CYS A 90 5.43 -11.16 -16.81
CA CYS A 90 5.28 -12.17 -17.86
C CYS A 90 3.96 -11.93 -18.60
N ILE A 91 3.92 -12.17 -19.91
CA ILE A 91 2.67 -12.03 -20.67
C ILE A 91 2.31 -13.39 -21.28
N GLU A 92 1.22 -14.00 -20.78
CA GLU A 92 0.71 -15.29 -21.26
C GLU A 92 -0.34 -15.02 -22.35
N MET A 93 -0.74 -16.07 -23.10
CA MET A 93 -1.72 -15.93 -24.17
C MET A 93 -2.82 -17.00 -24.09
N SER A 94 -4.09 -16.55 -24.11
CA SER A 94 -5.26 -17.43 -24.08
C SER A 94 -5.79 -17.69 -25.49
N SER A 95 -6.68 -18.70 -25.65
CA SER A 95 -7.29 -19.09 -26.92
C SER A 95 -8.23 -18.01 -27.49
N ILE A 98 -6.86 -13.82 -25.91
CA ILE A 98 -6.81 -12.68 -24.99
C ILE A 98 -5.51 -12.72 -24.17
N PRO A 99 -4.64 -11.68 -24.26
CA PRO A 99 -3.38 -11.70 -23.50
C PRO A 99 -3.57 -11.66 -21.99
N LYS A 100 -2.79 -12.49 -21.26
CA LYS A 100 -2.83 -12.61 -19.80
C LYS A 100 -1.57 -12.04 -19.12
N PRO A 101 -1.60 -10.78 -18.63
CA PRO A 101 -0.41 -10.22 -17.95
C PRO A 101 -0.24 -10.73 -16.52
N MET A 102 1.01 -11.04 -16.13
CA MET A 102 1.38 -11.55 -14.80
C MET A 102 2.44 -10.66 -14.14
N VAL A 103 2.28 -10.35 -12.85
CA VAL A 103 3.28 -9.55 -12.11
C VAL A 103 3.90 -10.43 -10.98
N ILE A 104 5.25 -10.40 -10.87
CA ILE A 104 6.02 -11.26 -9.94
C ILE A 104 6.62 -10.44 -8.82
N LEU A 105 6.33 -10.85 -7.56
CA LEU A 105 6.80 -10.19 -6.35
C LEU A 105 7.36 -11.19 -5.34
N PRO A 106 8.19 -10.78 -4.36
CA PRO A 106 8.68 -11.74 -3.35
C PRO A 106 7.53 -12.21 -2.48
N PHE A 107 7.56 -13.50 -2.08
CA PHE A 107 6.50 -14.06 -1.26
C PHE A 107 6.65 -13.61 0.19
N MET A 108 5.56 -13.09 0.77
CA MET A 108 5.55 -12.65 2.16
C MET A 108 4.55 -13.48 2.96
N LYS A 109 5.10 -14.44 3.74
CA LYS A 109 4.31 -15.39 4.53
C LYS A 109 3.31 -14.74 5.51
N TYR A 110 3.61 -13.53 6.03
CA TYR A 110 2.71 -12.86 6.98
C TYR A 110 1.52 -12.16 6.29
N GLY A 111 1.59 -11.94 4.98
CA GLY A 111 0.50 -11.32 4.21
C GLY A 111 0.25 -9.84 4.45
N ASP A 112 -0.99 -9.38 4.14
CA ASP A 112 -1.38 -7.97 4.27
C ASP A 112 -1.54 -7.53 5.73
N LEU A 113 -1.29 -6.25 6.01
CA LEU A 113 -1.36 -5.71 7.37
C LEU A 113 -2.76 -5.74 7.98
N HIS A 114 -3.82 -5.50 7.18
CA HIS A 114 -5.20 -5.48 7.72
C HIS A 114 -5.58 -6.85 8.33
N THR A 115 -5.31 -7.94 7.59
CA THR A 115 -5.60 -9.30 8.05
C THR A 115 -4.80 -9.64 9.31
N TYR A 116 -3.53 -9.22 9.34
CA TYR A 116 -2.64 -9.47 10.47
C TYR A 116 -3.18 -8.81 11.77
N LEU A 117 -3.63 -7.54 11.72
CA LEU A 117 -4.23 -6.82 12.85
C LEU A 117 -5.46 -7.58 13.40
N LEU A 118 -6.36 -8.03 12.51
CA LEU A 118 -7.56 -8.79 12.89
C LEU A 118 -7.19 -10.12 13.58
N TYR A 119 -6.26 -10.88 12.98
CA TYR A 119 -5.74 -12.16 13.52
C TYR A 119 -5.19 -11.99 14.93
N SER A 120 -4.52 -10.84 15.21
CA SER A 120 -3.93 -10.56 16.53
C SER A 120 -4.96 -10.44 17.67
N ARG A 121 -6.25 -10.31 17.34
CA ARG A 121 -7.31 -10.21 18.34
C ARG A 121 -7.94 -11.56 18.63
N LEU A 122 -7.40 -12.62 18.02
CA LEU A 122 -7.83 -14.01 18.15
C LEU A 122 -6.71 -14.86 18.78
N GLU A 123 -7.06 -15.88 19.57
CA GLU A 123 -6.12 -16.74 20.33
C GLU A 123 -5.05 -17.49 19.51
N THR A 124 -5.37 -17.99 18.29
CA THR A 124 -4.38 -18.77 17.51
C THR A 124 -3.53 -17.93 16.56
N GLY A 125 -3.92 -16.68 16.32
CA GLY A 125 -3.19 -15.77 15.45
C GLY A 125 -1.95 -15.21 16.10
N PRO A 126 -1.25 -14.21 15.48
CA PRO A 126 -0.07 -13.60 16.13
C PRO A 126 -0.48 -13.00 17.47
N ARG A 127 0.47 -12.84 18.39
CA ARG A 127 0.20 -12.31 19.73
C ARG A 127 -0.32 -10.86 19.72
N HIS A 128 -0.83 -10.39 20.88
CA HIS A 128 -1.29 -9.01 21.05
C HIS A 128 -0.21 -8.04 20.51
N ILE A 129 -0.60 -6.96 19.80
CA ILE A 129 0.38 -6.03 19.26
C ILE A 129 0.51 -4.83 20.21
N PRO A 130 1.67 -4.58 20.86
CA PRO A 130 1.77 -3.40 21.75
C PRO A 130 1.83 -2.07 21.01
N LEU A 131 1.53 -0.96 21.71
CA LEU A 131 1.54 0.42 21.20
C LEU A 131 2.77 0.76 20.36
N GLN A 132 3.98 0.43 20.86
CA GLN A 132 5.26 0.71 20.19
C GLN A 132 5.37 0.08 18.81
N THR A 133 4.84 -1.15 18.65
CA THR A 133 4.85 -1.88 17.36
C THR A 133 3.85 -1.25 16.40
N LEU A 134 2.67 -0.83 16.89
CA LEU A 134 1.64 -0.16 16.08
C LEU A 134 2.19 1.16 15.49
N LEU A 135 2.97 1.92 16.28
CA LEU A 135 3.63 3.17 15.86
C LEU A 135 4.74 2.91 14.84
N ARG A 136 5.53 1.84 15.06
CA ARG A 136 6.60 1.41 14.15
C ARG A 136 6.02 1.06 12.76
N PHE A 137 4.79 0.46 12.70
CA PHE A 137 4.10 0.14 11.45
C PHE A 137 3.80 1.44 10.68
N MET A 138 3.35 2.48 11.42
CA MET A 138 3.00 3.82 10.90
C MET A 138 4.24 4.53 10.37
N VAL A 139 5.37 4.46 11.12
CA VAL A 139 6.66 5.07 10.71
C VAL A 139 7.10 4.44 9.37
N ASP A 140 7.01 3.11 9.27
CA ASP A 140 7.37 2.34 8.06
C ASP A 140 6.59 2.79 6.84
N ILE A 141 5.24 2.92 6.96
CA ILE A 141 4.37 3.39 5.87
C ILE A 141 4.74 4.84 5.48
N ALA A 142 4.96 5.71 6.48
CA ALA A 142 5.35 7.11 6.24
C ALA A 142 6.66 7.19 5.46
N LEU A 143 7.63 6.30 5.76
CA LEU A 143 8.94 6.24 5.09
C LEU A 143 8.79 5.85 3.59
N GLY A 144 7.94 4.86 3.30
CA GLY A 144 7.64 4.41 1.93
C GLY A 144 6.93 5.48 1.14
N MET A 145 5.91 6.12 1.75
CA MET A 145 5.16 7.22 1.11
C MET A 145 6.00 8.46 0.88
N GLU A 146 6.93 8.79 1.81
CA GLU A 146 7.87 9.92 1.68
C GLU A 146 8.77 9.71 0.43
N TYR A 147 9.24 8.45 0.18
CA TYR A 147 10.07 8.10 -0.97
C TYR A 147 9.27 8.31 -2.28
N LEU A 148 8.04 7.76 -2.33
CA LEU A 148 7.15 7.89 -3.49
C LEU A 148 6.75 9.33 -3.80
N SER A 149 6.30 10.09 -2.77
CA SER A 149 5.89 11.49 -2.97
C SER A 149 7.03 12.41 -3.44
N ASN A 150 8.27 12.14 -2.98
CA ASN A 150 9.44 12.94 -3.39
C ASN A 150 9.74 12.73 -4.88
N ARG A 151 9.40 11.55 -5.42
CA ARG A 151 9.58 11.21 -6.82
C ARG A 151 8.32 11.47 -7.67
N ASN A 152 7.41 12.32 -7.12
CA ASN A 152 6.16 12.80 -7.72
C ASN A 152 5.17 11.69 -8.14
N PHE A 153 5.22 10.57 -7.43
CA PHE A 153 4.37 9.43 -7.69
C PHE A 153 3.16 9.45 -6.75
N LEU A 154 1.97 9.17 -7.29
CA LEU A 154 0.71 9.14 -6.54
C LEU A 154 0.26 7.69 -6.34
N HIS A 155 -0.12 7.31 -5.09
CA HIS A 155 -0.55 5.93 -4.82
C HIS A 155 -2.00 5.71 -5.27
N ARG A 156 -2.94 6.58 -4.80
CA ARG A 156 -4.39 6.60 -5.10
C ARG A 156 -5.24 5.53 -4.37
N ASP A 157 -4.64 4.56 -3.66
CA ASP A 157 -5.41 3.54 -2.95
C ASP A 157 -4.70 3.05 -1.65
N LEU A 158 -4.21 4.00 -0.85
CA LEU A 158 -3.51 3.68 0.37
C LEU A 158 -4.54 3.29 1.43
N ALA A 159 -4.33 2.12 2.06
CA ALA A 159 -5.20 1.51 3.07
C ALA A 159 -4.40 0.39 3.71
N ALA A 160 -4.77 -0.05 4.93
CA ALA A 160 -4.03 -1.14 5.59
C ALA A 160 -4.02 -2.46 4.78
N ARG A 161 -5.08 -2.70 3.95
CA ARG A 161 -5.17 -3.92 3.13
C ARG A 161 -4.10 -3.96 2.00
N ASN A 162 -3.53 -2.77 1.65
CA ASN A 162 -2.51 -2.61 0.60
C ASN A 162 -1.11 -2.45 1.15
N CYS A 163 -0.90 -2.71 2.45
CA CYS A 163 0.42 -2.68 3.07
C CYS A 163 0.78 -4.12 3.39
N MET A 164 2.03 -4.55 3.13
CA MET A 164 2.46 -5.93 3.37
C MET A 164 3.49 -6.02 4.49
N LEU A 165 3.51 -7.13 5.24
CA LEU A 165 4.48 -7.35 6.31
C LEU A 165 5.57 -8.31 5.85
N ARG A 166 6.84 -7.87 5.95
CA ARG A 166 8.02 -8.68 5.59
C ARG A 166 8.32 -9.66 6.73
N ASP A 167 9.23 -10.64 6.49
CA ASP A 167 9.58 -11.66 7.50
C ASP A 167 10.22 -11.07 8.77
N ASP A 168 10.92 -9.91 8.66
CA ASP A 168 11.54 -9.23 9.79
C ASP A 168 10.61 -8.20 10.48
N MET A 169 9.29 -8.20 10.11
CA MET A 169 8.18 -7.38 10.63
C MET A 169 8.21 -5.91 10.13
N THR A 170 8.98 -5.64 9.07
CA THR A 170 9.04 -4.33 8.39
C THR A 170 7.78 -4.27 7.53
N VAL A 171 7.14 -3.09 7.46
CA VAL A 171 5.96 -2.89 6.62
C VAL A 171 6.42 -2.22 5.31
N CYS A 172 5.81 -2.61 4.18
CA CYS A 172 6.08 -1.96 2.91
C CYS A 172 4.78 -1.64 2.19
N VAL A 173 4.75 -0.51 1.47
CA VAL A 173 3.59 -0.08 0.68
C VAL A 173 3.51 -0.91 -0.62
N ALA A 174 2.29 -1.33 -1.00
CA ALA A 174 1.99 -2.19 -2.15
C ALA A 174 0.61 -1.81 -2.73
N ASP A 175 0.06 -2.60 -3.68
CA ASP A 175 -1.25 -2.31 -4.31
C ASP A 175 -1.80 -3.53 -5.06
N PHE A 176 -2.60 -4.38 -4.38
CA PHE A 176 -3.18 -5.61 -4.96
C PHE A 176 -3.91 -5.43 -6.30
N PRO A 197 -13.63 2.66 -2.76
CA PRO A 197 -13.19 2.74 -1.36
C PRO A 197 -13.40 4.16 -0.82
N VAL A 198 -14.67 4.61 -0.84
CA VAL A 198 -15.16 5.94 -0.44
C VAL A 198 -14.57 6.44 0.89
N LYS A 199 -14.51 5.55 1.92
CA LYS A 199 -14.07 5.87 3.29
C LYS A 199 -12.58 6.25 3.40
N TRP A 200 -11.80 6.07 2.33
CA TRP A 200 -10.38 6.47 2.32
C TRP A 200 -10.13 7.71 1.43
N ILE A 201 -11.14 8.15 0.67
CA ILE A 201 -11.02 9.25 -0.30
C ILE A 201 -11.18 10.64 0.34
N ALA A 202 -10.20 11.55 0.06
CA ALA A 202 -10.16 12.94 0.55
C ALA A 202 -11.40 13.76 0.12
N ILE A 203 -11.81 14.74 0.96
CA ILE A 203 -12.99 15.59 0.76
C ILE A 203 -12.99 16.30 -0.62
N GLU A 204 -11.82 16.82 -1.10
CA GLU A 204 -11.74 17.53 -2.39
C GLU A 204 -11.83 16.56 -3.59
N SER A 205 -11.43 15.29 -3.39
CA SER A 205 -11.46 14.23 -4.40
C SER A 205 -12.85 13.64 -4.60
N LEU A 206 -13.78 13.87 -3.65
CA LEU A 206 -15.17 13.40 -3.72
C LEU A 206 -16.04 14.42 -4.45
N ALA A 207 -15.69 15.72 -4.36
CA ALA A 207 -16.40 16.85 -4.98
C ALA A 207 -16.00 17.10 -6.45
N ASP A 208 -14.75 16.75 -6.81
CA ASP A 208 -14.17 16.91 -8.15
C ASP A 208 -13.12 15.81 -8.37
N ARG A 209 -12.70 15.58 -9.63
CA ARG A 209 -11.70 14.55 -9.97
C ARG A 209 -10.30 14.76 -9.34
N VAL A 210 -10.05 15.97 -8.79
CA VAL A 210 -8.81 16.48 -8.15
C VAL A 210 -8.14 15.44 -7.24
N TYR A 211 -6.86 15.11 -7.52
CA TYR A 211 -6.08 14.16 -6.72
C TYR A 211 -4.59 14.51 -6.70
N THR A 212 -4.09 14.93 -5.53
CA THR A 212 -2.67 15.28 -5.33
C THR A 212 -2.03 14.37 -4.26
N SER A 213 -0.79 14.71 -3.85
CA SER A 213 -0.06 14.00 -2.79
C SER A 213 -0.72 14.26 -1.43
N LYS A 214 -1.41 15.44 -1.28
CA LYS A 214 -2.15 15.80 -0.06
C LYS A 214 -3.40 14.93 0.11
N SER A 215 -3.89 14.32 -0.99
CA SER A 215 -5.00 13.34 -1.01
C SER A 215 -4.48 11.98 -0.51
N ASP A 216 -3.21 11.63 -0.81
CA ASP A 216 -2.58 10.41 -0.28
C ASP A 216 -2.34 10.62 1.24
N VAL A 217 -2.06 11.88 1.67
CA VAL A 217 -1.87 12.25 3.09
C VAL A 217 -3.16 11.95 3.87
N TRP A 218 -4.33 12.34 3.31
CA TRP A 218 -5.66 12.05 3.89
C TRP A 218 -5.84 10.54 4.06
N ALA A 219 -5.58 9.75 2.98
CA ALA A 219 -5.65 8.27 3.00
C ALA A 219 -4.72 7.67 4.07
N PHE A 220 -3.54 8.29 4.27
CA PHE A 220 -2.56 7.88 5.29
C PHE A 220 -3.11 8.02 6.73
N GLY A 221 -3.78 9.16 7.01
CA GLY A 221 -4.43 9.43 8.30
C GLY A 221 -5.48 8.37 8.58
N VAL A 222 -6.29 8.03 7.56
CA VAL A 222 -7.30 6.94 7.70
C VAL A 222 -6.59 5.59 7.98
N THR A 223 -5.43 5.33 7.31
CA THR A 223 -4.66 4.09 7.51
C THR A 223 -4.13 4.00 8.94
N MET A 224 -3.63 5.14 9.49
CA MET A 224 -3.14 5.22 10.87
C MET A 224 -4.27 4.84 11.85
N TRP A 225 -5.50 5.32 11.57
CA TRP A 225 -6.71 5.02 12.38
C TRP A 225 -7.04 3.50 12.32
N GLU A 226 -6.98 2.87 11.12
CA GLU A 226 -7.18 1.41 10.99
C GLU A 226 -6.16 0.66 11.88
N ILE A 227 -4.88 1.11 11.89
CA ILE A 227 -3.83 0.44 12.68
C ILE A 227 -4.12 0.62 14.19
N ALA A 228 -4.41 1.86 14.61
CA ALA A 228 -4.69 2.18 16.01
C ALA A 228 -5.95 1.44 16.58
N THR A 229 -7.00 1.21 15.75
CA THR A 229 -8.22 0.47 16.20
C THR A 229 -8.07 -1.06 16.00
N ARG A 230 -6.90 -1.49 15.51
CA ARG A 230 -6.59 -2.91 15.22
C ARG A 230 -7.54 -3.55 14.18
N GLY A 231 -7.80 -2.81 13.10
CA GLY A 231 -8.58 -3.32 11.97
C GLY A 231 -10.04 -2.91 11.83
N MET A 232 -10.54 -1.95 12.62
CA MET A 232 -11.94 -1.54 12.46
C MET A 232 -12.18 -0.86 11.09
N THR A 233 -13.38 -1.06 10.52
CA THR A 233 -13.81 -0.37 9.30
C THR A 233 -14.02 1.14 9.67
N PRO A 234 -13.47 2.10 8.89
CA PRO A 234 -13.66 3.53 9.23
C PRO A 234 -15.14 3.98 9.26
N TYR A 235 -15.43 4.96 10.13
CA TYR A 235 -16.74 5.59 10.33
C TYR A 235 -17.88 4.59 10.65
N PRO A 236 -17.79 3.86 11.81
CA PRO A 236 -18.93 2.98 12.20
C PRO A 236 -20.22 3.79 12.30
N GLY A 237 -21.32 3.22 11.79
CA GLY A 237 -22.63 3.86 11.82
C GLY A 237 -22.87 4.88 10.71
N VAL A 238 -21.90 5.09 9.80
CA VAL A 238 -22.01 6.02 8.67
C VAL A 238 -21.94 5.21 7.38
N GLN A 239 -22.98 5.32 6.54
CA GLN A 239 -23.05 4.59 5.27
C GLN A 239 -22.22 5.29 4.18
N ASN A 240 -21.76 4.52 3.18
CA ASN A 240 -20.95 5.00 2.05
C ASN A 240 -21.59 6.16 1.29
N HIS A 241 -22.94 6.15 1.11
CA HIS A 241 -23.66 7.18 0.36
C HIS A 241 -23.83 8.50 1.13
N GLU A 242 -23.65 8.48 2.47
CA GLU A 242 -23.79 9.67 3.29
C GLU A 242 -22.43 10.24 3.77
N MET A 243 -21.32 9.75 3.15
CA MET A 243 -19.94 10.13 3.48
C MET A 243 -19.55 11.57 3.12
N TYR A 244 -19.86 12.03 1.88
CA TYR A 244 -19.51 13.38 1.44
C TYR A 244 -20.18 14.46 2.29
N ASP A 245 -21.48 14.27 2.61
CA ASP A 245 -22.23 15.22 3.44
C ASP A 245 -21.71 15.26 4.87
N TYR A 246 -21.34 14.09 5.43
CA TYR A 246 -20.79 13.91 6.77
C TYR A 246 -19.51 14.76 6.94
N LEU A 247 -18.58 14.64 5.97
CA LEU A 247 -17.32 15.40 5.96
C LEU A 247 -17.55 16.90 5.71
N LEU A 248 -18.46 17.24 4.78
CA LEU A 248 -18.82 18.63 4.44
C LEU A 248 -19.33 19.41 5.67
N HIS A 249 -19.92 18.69 6.65
CA HIS A 249 -20.41 19.28 7.90
C HIS A 249 -19.33 19.36 9.01
N GLY A 250 -18.09 18.98 8.66
CA GLY A 250 -16.92 19.08 9.54
C GLY A 250 -16.62 17.89 10.44
N HIS A 251 -17.36 16.79 10.28
CA HIS A 251 -17.13 15.59 11.09
C HIS A 251 -15.96 14.80 10.54
N ARG A 252 -15.18 14.18 11.45
CA ARG A 252 -14.00 13.37 11.12
C ARG A 252 -14.02 12.08 11.97
N LEU A 253 -13.12 11.11 11.66
CA LEU A 253 -12.98 9.86 12.42
C LEU A 253 -12.72 10.17 13.91
N LYS A 254 -13.39 9.43 14.80
CA LYS A 254 -13.29 9.64 16.26
C LYS A 254 -11.99 9.06 16.82
N GLN A 255 -11.51 9.63 17.93
CA GLN A 255 -10.31 9.16 18.62
C GLN A 255 -10.50 7.74 19.17
N PRO A 256 -9.62 6.79 18.78
CA PRO A 256 -9.74 5.42 19.33
C PRO A 256 -9.45 5.38 20.84
N GLU A 257 -10.04 4.41 21.57
CA GLU A 257 -9.97 4.27 23.03
C GLU A 257 -8.55 4.35 23.64
N ASP A 258 -7.59 3.53 23.20
CA ASP A 258 -6.24 3.54 23.78
C ASP A 258 -5.20 4.41 23.03
N CYS A 259 -5.66 5.22 22.06
CA CYS A 259 -4.80 6.09 21.24
C CYS A 259 -4.38 7.35 22.03
N LEU A 260 -3.05 7.60 22.10
CA LEU A 260 -2.47 8.78 22.76
C LEU A 260 -2.98 10.05 22.11
N ASP A 261 -3.15 11.12 22.91
CA ASP A 261 -3.61 12.42 22.42
C ASP A 261 -2.71 12.96 21.30
N GLU A 262 -1.37 12.82 21.46
CA GLU A 262 -0.34 13.30 20.52
C GLU A 262 -0.47 12.59 19.16
N LEU A 263 -0.75 11.27 19.18
CA LEU A 263 -0.95 10.49 17.95
C LEU A 263 -2.24 10.92 17.22
N TYR A 264 -3.33 11.18 17.97
CA TYR A 264 -4.60 11.60 17.36
C TYR A 264 -4.47 12.96 16.67
N GLU A 265 -3.71 13.90 17.28
CA GLU A 265 -3.42 15.22 16.72
C GLU A 265 -2.72 15.05 15.36
N ILE A 266 -1.78 14.07 15.26
CA ILE A 266 -1.04 13.77 14.01
C ILE A 266 -2.01 13.27 12.95
N MET A 267 -2.89 12.28 13.26
CA MET A 267 -3.81 11.75 12.26
C MET A 267 -4.89 12.78 11.87
N TYR A 268 -5.36 13.61 12.81
CA TYR A 268 -6.35 14.67 12.55
C TYR A 268 -5.79 15.72 11.56
N SER A 269 -4.47 16.06 11.68
CA SER A 269 -3.85 17.02 10.74
C SER A 269 -3.93 16.55 9.27
N CYS A 270 -4.03 15.20 9.03
CA CYS A 270 -4.15 14.64 7.68
C CYS A 270 -5.52 14.97 7.03
N TRP A 271 -6.54 15.34 7.84
CA TRP A 271 -7.91 15.56 7.37
C TRP A 271 -8.37 17.04 7.39
N ARG A 272 -7.40 17.98 7.35
CA ARG A 272 -7.70 19.41 7.30
C ARG A 272 -8.39 19.70 5.96
N THR A 273 -9.48 20.49 5.98
CA THR A 273 -10.30 20.82 4.81
C THR A 273 -9.48 21.29 3.61
N ASP A 274 -8.59 22.28 3.84
CA ASP A 274 -7.72 22.85 2.82
C ASP A 274 -6.50 21.93 2.66
N PRO A 275 -6.31 21.30 1.47
CA PRO A 275 -5.13 20.42 1.26
C PRO A 275 -3.77 21.06 1.55
N LEU A 276 -3.63 22.40 1.32
CA LEU A 276 -2.41 23.17 1.57
C LEU A 276 -2.02 23.20 3.05
N ASP A 277 -3.01 23.10 3.95
CA ASP A 277 -2.78 23.11 5.40
C ASP A 277 -2.31 21.75 5.93
N ARG A 278 -2.53 20.66 5.17
CA ARG A 278 -2.11 19.30 5.56
C ARG A 278 -0.57 19.17 5.52
N PRO A 279 0.05 18.45 6.47
CA PRO A 279 1.52 18.28 6.40
C PRO A 279 1.98 17.35 5.26
N THR A 280 3.24 17.47 4.83
CA THR A 280 3.81 16.57 3.80
C THR A 280 4.16 15.23 4.48
N PHE A 281 4.51 14.19 3.68
CA PHE A 281 4.89 12.90 4.24
C PHE A 281 6.18 12.99 5.03
N SER A 282 7.10 13.90 4.62
CA SER A 282 8.37 14.09 5.30
C SER A 282 8.15 14.65 6.70
N VAL A 283 7.26 15.67 6.83
CA VAL A 283 6.91 16.27 8.12
C VAL A 283 6.24 15.21 9.03
N LEU A 284 5.28 14.43 8.50
CA LEU A 284 4.58 13.37 9.25
C LEU A 284 5.53 12.30 9.79
N ARG A 285 6.46 11.82 8.92
CA ARG A 285 7.43 10.78 9.28
C ARG A 285 8.30 11.23 10.48
N LEU A 286 8.73 12.51 10.49
CA LEU A 286 9.52 13.02 11.61
C LEU A 286 8.68 13.14 12.88
N GLN A 287 7.43 13.61 12.79
CA GLN A 287 6.55 13.70 13.97
C GLN A 287 6.34 12.31 14.59
N LEU A 288 6.13 11.29 13.73
CA LEU A 288 5.93 9.90 14.15
C LEU A 288 7.19 9.27 14.78
N GLU A 289 8.38 9.53 14.21
CA GLU A 289 9.67 9.03 14.75
C GLU A 289 9.95 9.64 16.13
N ARG A 290 9.71 10.96 16.29
CA ARG A 290 9.89 11.64 17.57
C ARG A 290 8.94 11.07 18.66
N LEU A 291 7.66 10.82 18.31
CA LEU A 291 6.68 10.23 19.24
C LEU A 291 7.13 8.84 19.71
N LEU A 292 7.62 7.99 18.78
CA LEU A 292 8.08 6.62 19.08
C LEU A 292 9.29 6.62 20.03
N GLU A 293 10.26 7.53 19.79
CA GLU A 293 11.45 7.66 20.62
C GLU A 293 11.10 8.11 22.05
N SER A 294 10.06 8.94 22.22
CA SER A 294 9.61 9.44 23.54
C SER A 294 8.91 8.38 24.40
N LEU A 295 8.50 7.24 23.81
CA LEU A 295 7.82 6.17 24.55
C LEU A 295 8.80 5.36 25.43
N PRO A 296 8.38 4.87 26.63
CA PRO A 296 9.33 4.12 27.47
C PRO A 296 9.35 2.63 27.18
#